data_4RO5
#
_entry.id   4RO5
#
_cell.length_a   43.130
_cell.length_b   52.160
_cell.length_c   163.090
_cell.angle_alpha   90.000
_cell.angle_beta   90.000
_cell.angle_gamma   90.000
#
_symmetry.space_group_name_H-M   'P 21 21 21'
#
loop_
_entity.id
_entity.type
_entity.pdbx_description
1 polymer 'SAT domain from CazM'
2 non-polymer GLYCEROL
3 water water
#
_entity_poly.entity_id   1
_entity_poly.type   'polypeptide(L)'
_entity_poly.pdbx_seq_one_letter_code
;GSHGGSEF(MSE)ISVADLDYASRKSSIFLFAPHVGTFTKQS(MSE)DKLVRPLAASAHRDWILDTVAGLPTYWDALAVK
IPNIGNAIPGRRQLTDLDTWFRHGAGDVTQDDATLPSIVVGPLVVLIQLTQYWRYLELTRPDHLEDSADLQADVVTRQTQ
PGAKVETLGFCAGLLAAVAVASAGNRQEFQKYGAVAVRLA(MSE)(MSE)AGALIDGQEARDKATRDGGSVSYAIAWRGQ
KPGEEAARIVKDLNPNAYFAVLYDEARATVTTTRRTAPSLVNRLRAADVTVAEIGIKGRIHSPDSERKNNTDLLVDLCKS
FEDLQYADAASLALPTYNNEAEGRPVSRDRGN(MSE)TE(MSE)VIRAILVNQCNWYGTFKGATEGREPFVVTLGLERSV
PPTL(MSE)RSLGPHQVHYEDLADNGIPPAPQSP
;
_entity_poly.pdbx_strand_id   A
#
# COMPACT_ATOMS: atom_id res chain seq x y z
N ILE A 10 9.71 -19.55 9.38
CA ILE A 10 8.82 -20.01 10.44
C ILE A 10 7.66 -20.80 9.85
N SER A 11 7.42 -22.00 10.37
CA SER A 11 6.35 -22.87 9.89
C SER A 11 5.00 -22.40 10.44
N VAL A 12 3.96 -22.52 9.63
CA VAL A 12 2.61 -22.19 10.06
C VAL A 12 2.21 -23.07 11.25
N ALA A 13 2.70 -24.32 11.26
CA ALA A 13 2.42 -25.25 12.34
C ALA A 13 2.96 -24.78 13.70
N ASP A 14 3.89 -23.83 13.69
CA ASP A 14 4.47 -23.34 14.94
C ASP A 14 3.92 -21.97 15.36
N LEU A 15 2.92 -21.49 14.64
CA LEU A 15 2.37 -20.16 14.92
C LEU A 15 1.37 -20.14 16.07
N ASP A 16 0.78 -21.29 16.39
CA ASP A 16 -0.32 -21.38 17.36
C ASP A 16 -1.45 -20.43 16.98
N TYR A 17 -1.75 -20.34 15.69
CA TYR A 17 -2.79 -19.46 15.19
C TYR A 17 -4.16 -19.87 15.70
N ALA A 18 -4.31 -21.16 16.00
CA ALA A 18 -5.59 -21.66 16.47
C ALA A 18 -5.94 -21.11 17.86
N SER A 19 -4.94 -20.55 18.56
CA SER A 19 -5.20 -19.99 19.88
C SER A 19 -5.41 -18.49 19.87
N ARG A 20 -5.52 -17.91 18.67
CA ARG A 20 -5.67 -16.46 18.51
C ARG A 20 -6.93 -15.93 19.15
N LYS A 21 -6.88 -14.69 19.62
CA LYS A 21 -8.06 -14.02 20.15
C LYS A 21 -8.86 -13.35 19.01
N SER A 22 -8.14 -12.97 17.96
CA SER A 22 -8.70 -12.33 16.76
C SER A 22 -7.56 -12.18 15.75
N SER A 23 -7.85 -11.72 14.55
CA SER A 23 -6.82 -11.45 13.56
C SER A 23 -6.91 -10.03 13.02
N ILE A 24 -5.74 -9.43 12.79
CA ILE A 24 -5.63 -8.24 11.97
C ILE A 24 -4.72 -8.58 10.80
N PHE A 25 -5.26 -8.44 9.61
CA PHE A 25 -4.47 -8.62 8.40
C PHE A 25 -3.97 -7.25 8.00
N LEU A 26 -2.66 -7.07 8.20
CA LEU A 26 -1.96 -5.83 8.01
C LEU A 26 -1.35 -5.82 6.63
N PHE A 27 -1.86 -4.93 5.77
CA PHE A 27 -1.34 -4.80 4.43
C PHE A 27 -0.30 -3.69 4.35
N ALA A 28 0.93 -4.10 4.01
CA ALA A 28 2.11 -3.25 4.12
C ALA A 28 2.12 -2.07 3.14
N PRO A 29 2.91 -1.03 3.44
CA PRO A 29 3.07 0.02 2.43
C PRO A 29 3.86 -0.48 1.24
N HIS A 30 3.76 0.23 0.12
CA HIS A 30 4.54 -0.08 -1.05
C HIS A 30 5.89 0.60 -0.92
N VAL A 31 6.77 -0.02 -0.15
CA VAL A 31 8.14 0.45 0.00
C VAL A 31 9.04 -0.56 -0.69
N GLY A 32 10.00 -0.06 -1.44
CA GLY A 32 10.96 -0.90 -2.16
C GLY A 32 11.11 -0.43 -3.59
N THR A 33 12.31 -0.59 -4.15
CA THR A 33 12.50 -0.31 -5.57
C THR A 33 12.73 -1.63 -6.30
N PHE A 34 12.33 -1.66 -7.55
CA PHE A 34 12.33 -2.87 -8.34
C PHE A 34 12.86 -2.61 -9.74
N THR A 35 13.49 -3.62 -10.32
CA THR A 35 13.78 -3.64 -11.75
C THR A 35 12.84 -4.67 -12.37
N LYS A 36 12.79 -4.71 -13.69
CA LYS A 36 12.06 -5.78 -14.36
C LYS A 36 12.58 -7.15 -13.88
N GLN A 37 13.91 -7.28 -13.82
CA GLN A 37 14.55 -8.52 -13.39
C GLN A 37 14.14 -8.94 -11.98
N SER A 38 14.19 -8.01 -11.03
CA SER A 38 13.87 -8.38 -9.64
C SER A 38 12.38 -8.61 -9.45
N ASP A 40 10.20 -9.59 -11.67
CA ASP A 40 9.70 -10.78 -12.38
C ASP A 40 9.69 -12.00 -11.47
N LYS A 41 10.68 -12.12 -10.59
CA LYS A 41 10.68 -13.23 -9.64
C LYS A 41 9.43 -13.28 -8.76
N LEU A 42 8.79 -12.13 -8.56
CA LEU A 42 7.56 -12.04 -7.78
C LEU A 42 6.33 -12.16 -8.70
N VAL A 43 6.48 -11.71 -9.94
CA VAL A 43 5.36 -11.70 -10.89
C VAL A 43 5.04 -13.11 -11.37
N ARG A 44 6.05 -13.92 -11.65
CA ARG A 44 5.79 -15.21 -12.29
C ARG A 44 4.93 -16.13 -11.45
N PRO A 45 5.15 -16.18 -10.12
CA PRO A 45 4.23 -17.06 -9.36
C PRO A 45 2.76 -16.57 -9.40
N LEU A 46 2.55 -15.25 -9.35
CA LEU A 46 1.20 -14.67 -9.54
C LEU A 46 0.61 -15.15 -10.85
N ALA A 47 1.42 -15.00 -11.90
CA ALA A 47 0.98 -15.23 -13.27
C ALA A 47 0.66 -16.67 -13.55
N ALA A 48 1.24 -17.58 -12.77
CA ALA A 48 1.06 -19.02 -13.01
C ALA A 48 0.02 -19.62 -12.07
N SER A 49 -0.46 -18.81 -11.12
CA SER A 49 -1.39 -19.29 -10.10
C SER A 49 -2.81 -19.40 -10.58
N ALA A 50 -3.68 -19.92 -9.71
CA ALA A 50 -5.11 -19.96 -9.99
C ALA A 50 -5.74 -18.56 -10.08
N HIS A 51 -4.98 -17.53 -9.69
CA HIS A 51 -5.45 -16.15 -9.77
C HIS A 51 -5.26 -15.58 -11.18
N ARG A 52 -4.53 -16.30 -12.02
CA ARG A 52 -4.11 -15.77 -13.31
C ARG A 52 -5.25 -15.18 -14.13
N ASP A 53 -6.35 -15.91 -14.25
CA ASP A 53 -7.41 -15.48 -15.14
C ASP A 53 -8.02 -14.17 -14.72
N TRP A 54 -8.30 -13.98 -13.42
CA TRP A 54 -8.97 -12.74 -13.05
C TRP A 54 -7.96 -11.58 -13.11
N ILE A 55 -6.68 -11.87 -12.85
CA ILE A 55 -5.67 -10.82 -12.96
C ILE A 55 -5.44 -10.39 -14.41
N LEU A 56 -5.41 -11.36 -15.32
CA LEU A 56 -5.22 -11.12 -16.76
C LEU A 56 -6.31 -10.20 -17.29
N ASP A 57 -7.55 -10.52 -16.93
CA ASP A 57 -8.71 -9.72 -17.30
C ASP A 57 -8.59 -8.28 -16.78
N THR A 58 -8.08 -8.16 -15.55
CA THR A 58 -7.90 -6.84 -14.94
C THR A 58 -6.81 -6.04 -15.64
N VAL A 59 -5.63 -6.65 -15.76
CA VAL A 59 -4.50 -5.95 -16.36
C VAL A 59 -4.78 -5.53 -17.82
N ALA A 60 -5.53 -6.37 -18.54
CA ALA A 60 -5.85 -6.09 -19.94
C ALA A 60 -6.70 -4.85 -20.10
N GLY A 61 -7.50 -4.56 -19.07
CA GLY A 61 -8.39 -3.42 -19.10
C GLY A 61 -7.80 -2.10 -18.62
N LEU A 62 -6.58 -2.13 -18.07
CA LEU A 62 -5.98 -0.93 -17.51
C LEU A 62 -5.75 0.23 -18.51
N PRO A 63 -5.33 -0.06 -19.76
CA PRO A 63 -5.15 1.05 -20.70
C PRO A 63 -6.40 1.93 -20.91
N THR A 64 -7.59 1.37 -20.81
CA THR A 64 -8.79 2.19 -21.00
C THR A 64 -9.02 3.13 -19.80
N TYR A 65 -8.65 2.69 -18.61
CA TYR A 65 -8.74 3.55 -17.44
C TYR A 65 -7.67 4.64 -17.54
N TRP A 66 -6.51 4.29 -18.08
CA TRP A 66 -5.47 5.28 -18.31
C TRP A 66 -5.95 6.35 -19.29
N ASP A 67 -6.62 5.91 -20.36
CA ASP A 67 -7.12 6.82 -21.38
C ASP A 67 -8.01 7.88 -20.74
N ALA A 68 -8.88 7.41 -19.84
CA ALA A 68 -9.79 8.29 -19.12
C ALA A 68 -9.03 9.25 -18.21
N LEU A 69 -8.07 8.72 -17.45
CA LEU A 69 -7.27 9.56 -16.57
C LEU A 69 -6.50 10.63 -17.35
N ALA A 70 -5.95 10.25 -18.50
CA ALA A 70 -5.05 11.13 -19.24
C ALA A 70 -5.79 12.35 -19.77
N VAL A 71 -7.07 12.17 -20.12
CA VAL A 71 -7.86 13.30 -20.59
C VAL A 71 -8.36 14.16 -19.43
N LYS A 72 -8.77 13.51 -18.34
CA LYS A 72 -9.27 14.20 -17.16
C LYS A 72 -8.20 15.02 -16.49
N ILE A 73 -6.98 14.49 -16.49
CA ILE A 73 -5.87 15.13 -15.80
C ILE A 73 -4.69 15.22 -16.77
N PRO A 74 -4.77 16.17 -17.71
CA PRO A 74 -3.82 16.20 -18.84
C PRO A 74 -2.35 16.42 -18.44
N ASN A 75 -2.11 17.13 -17.34
CA ASN A 75 -0.74 17.33 -16.88
C ASN A 75 -0.05 16.02 -16.52
N ILE A 76 -0.83 15.08 -15.99
CA ILE A 76 -0.34 13.73 -15.71
C ILE A 76 -0.29 12.92 -17.00
N GLY A 77 -1.36 13.00 -17.79
CA GLY A 77 -1.42 12.30 -19.06
C GLY A 77 -0.24 12.53 -19.98
N ASN A 78 0.31 13.74 -19.93
CA ASN A 78 1.42 14.10 -20.82
C ASN A 78 2.80 13.95 -20.19
N ALA A 79 2.84 13.54 -18.94
CA ALA A 79 4.08 13.50 -18.18
C ALA A 79 4.81 12.17 -18.25
N ILE A 80 4.06 11.11 -18.54
CA ILE A 80 4.57 9.74 -18.49
C ILE A 80 3.99 8.92 -19.63
N PRO A 81 4.73 7.91 -20.08
CA PRO A 81 4.24 7.07 -21.17
C PRO A 81 3.35 5.95 -20.62
N GLY A 82 2.24 6.36 -20.00
CA GLY A 82 1.46 5.43 -19.21
C GLY A 82 0.85 4.30 -20.02
N ARG A 83 0.33 4.62 -21.20
CA ARG A 83 -0.36 3.58 -21.95
C ARG A 83 0.60 2.46 -22.31
N ARG A 84 1.79 2.84 -22.78
CA ARG A 84 2.81 1.89 -23.17
C ARG A 84 3.28 1.06 -21.98
N GLN A 85 3.44 1.72 -20.83
CA GLN A 85 3.84 0.98 -19.64
C GLN A 85 2.78 -0.07 -19.29
N LEU A 86 1.52 0.27 -19.50
CA LEU A 86 0.44 -0.65 -19.16
C LEU A 86 0.27 -1.79 -20.17
N THR A 87 0.46 -1.51 -21.46
CA THR A 87 0.37 -2.58 -22.44
C THR A 87 1.57 -3.50 -22.29
N ASP A 88 2.73 -2.93 -21.93
CA ASP A 88 3.91 -3.75 -21.63
C ASP A 88 3.61 -4.65 -20.41
N LEU A 89 2.88 -4.12 -19.43
CA LEU A 89 2.54 -4.89 -18.23
C LEU A 89 1.68 -6.09 -18.60
N ASP A 90 0.72 -5.88 -19.48
CA ASP A 90 -0.11 -7.00 -19.90
C ASP A 90 0.75 -8.09 -20.51
N THR A 91 1.65 -7.70 -21.41
CA THR A 91 2.46 -8.69 -22.10
C THR A 91 3.35 -9.43 -21.12
N TRP A 92 3.91 -8.67 -20.18
CA TRP A 92 4.76 -9.20 -19.13
C TRP A 92 4.03 -10.26 -18.30
N PHE A 93 2.81 -9.93 -17.86
CA PHE A 93 2.05 -10.86 -17.04
C PHE A 93 1.59 -12.05 -17.86
N ARG A 94 1.13 -11.78 -19.09
CA ARG A 94 0.51 -12.78 -19.94
C ARG A 94 1.54 -13.77 -20.50
N HIS A 95 2.66 -13.25 -21.04
CA HIS A 95 3.55 -14.08 -21.82
C HIS A 95 4.95 -14.27 -21.24
N GLY A 96 5.31 -13.44 -20.26
CA GLY A 96 6.64 -13.48 -19.68
C GLY A 96 7.39 -12.19 -19.91
N ALA A 97 8.49 -12.00 -19.18
CA ALA A 97 9.25 -10.75 -19.26
C ALA A 97 9.82 -10.45 -20.66
N GLY A 98 10.26 -11.47 -21.39
CA GLY A 98 10.83 -11.30 -22.71
C GLY A 98 12.28 -10.80 -22.74
N ASP A 99 12.64 -10.04 -21.71
CA ASP A 99 13.99 -9.54 -21.50
C ASP A 99 14.06 -8.90 -20.14
N VAL A 100 15.13 -9.15 -19.40
CA VAL A 100 15.28 -8.51 -18.10
C VAL A 100 16.66 -7.87 -17.94
N THR A 101 17.46 -7.88 -19.01
CA THR A 101 18.81 -7.33 -18.91
C THR A 101 19.02 -6.07 -19.75
N GLN A 102 18.31 -5.95 -20.86
CA GLN A 102 18.42 -4.75 -21.69
C GLN A 102 17.62 -3.62 -21.05
N ASP A 103 16.34 -3.89 -20.81
CA ASP A 103 15.47 -2.99 -20.05
C ASP A 103 15.85 -3.08 -18.57
N ASP A 104 16.65 -2.13 -18.11
CA ASP A 104 17.24 -2.22 -16.78
C ASP A 104 16.86 -1.10 -15.81
N ALA A 105 15.86 -0.31 -16.18
CA ALA A 105 15.44 0.81 -15.33
C ALA A 105 14.70 0.35 -14.08
N THR A 106 14.65 1.22 -13.07
CA THR A 106 13.77 1.04 -11.91
C THR A 106 12.34 1.23 -12.37
N LEU A 107 11.42 0.41 -11.85
CA LEU A 107 10.03 0.42 -12.31
C LEU A 107 9.21 1.57 -11.75
N PRO A 108 8.28 2.09 -12.56
CA PRO A 108 7.43 3.18 -12.13
C PRO A 108 6.28 2.70 -11.26
N SER A 109 5.70 3.61 -10.48
CA SER A 109 4.59 3.30 -9.59
C SER A 109 3.32 2.88 -10.31
N ILE A 110 3.15 3.32 -11.56
CA ILE A 110 1.95 2.98 -12.32
C ILE A 110 1.91 1.47 -12.58
N VAL A 111 3.07 0.84 -12.50
CA VAL A 111 3.17 -0.62 -12.63
C VAL A 111 3.41 -1.30 -11.27
N VAL A 112 4.31 -0.74 -10.46
CA VAL A 112 4.62 -1.34 -9.17
C VAL A 112 3.42 -1.38 -8.23
N GLY A 113 2.61 -0.33 -8.25
CA GLY A 113 1.41 -0.30 -7.41
C GLY A 113 0.48 -1.48 -7.66
N PRO A 114 0.02 -1.64 -8.90
CA PRO A 114 -0.76 -2.82 -9.29
C PRO A 114 -0.13 -4.15 -8.88
N LEU A 115 1.17 -4.30 -9.12
CA LEU A 115 1.83 -5.56 -8.83
C LEU A 115 1.91 -5.84 -7.33
N VAL A 116 2.20 -4.82 -6.52
CA VAL A 116 2.32 -5.03 -5.08
C VAL A 116 0.93 -5.30 -4.48
N VAL A 117 -0.10 -4.66 -5.01
CA VAL A 117 -1.47 -5.00 -4.61
C VAL A 117 -1.70 -6.50 -4.86
N LEU A 118 -1.31 -6.98 -6.04
CA LEU A 118 -1.49 -8.40 -6.37
C LEU A 118 -0.66 -9.32 -5.49
N ILE A 119 0.56 -8.91 -5.17
CA ILE A 119 1.39 -9.69 -4.26
C ILE A 119 0.73 -9.83 -2.90
N GLN A 120 0.24 -8.71 -2.37
CA GLN A 120 -0.44 -8.71 -1.08
C GLN A 120 -1.72 -9.54 -1.08
N LEU A 121 -2.53 -9.42 -2.14
CA LEU A 121 -3.79 -10.14 -2.17
C LEU A 121 -3.56 -11.63 -2.27
N THR A 122 -2.55 -12.05 -3.04
CA THR A 122 -2.29 -13.48 -3.19
C THR A 122 -1.61 -14.05 -1.95
N GLN A 123 -0.79 -13.25 -1.28
CA GLN A 123 -0.25 -13.69 0.01
C GLN A 123 -1.35 -13.92 1.01
N TYR A 124 -2.31 -12.99 1.05
CA TYR A 124 -3.45 -13.12 1.96
C TYR A 124 -4.21 -14.42 1.68
N TRP A 125 -4.56 -14.65 0.42
CA TRP A 125 -5.29 -15.86 0.07
C TRP A 125 -4.52 -17.13 0.44
N ARG A 126 -3.21 -17.13 0.18
CA ARG A 126 -2.37 -18.28 0.50
C ARG A 126 -2.26 -18.47 2.03
N TYR A 127 -2.24 -17.36 2.77
CA TYR A 127 -2.28 -17.46 4.22
C TYR A 127 -3.55 -18.13 4.71
N LEU A 128 -4.69 -17.75 4.15
CA LEU A 128 -5.94 -18.43 4.46
C LEU A 128 -5.82 -19.93 4.13
N GLU A 129 -5.14 -20.25 3.04
CA GLU A 129 -5.01 -21.64 2.61
C GLU A 129 -4.15 -22.42 3.61
N LEU A 130 -3.05 -21.82 4.04
CA LEU A 130 -2.12 -22.46 4.97
C LEU A 130 -2.73 -22.65 6.35
N THR A 131 -3.67 -21.79 6.72
CA THR A 131 -4.28 -21.87 8.05
C THR A 131 -5.72 -22.39 8.06
N ARG A 132 -6.21 -22.87 6.92
CA ARG A 132 -7.59 -23.34 6.81
C ARG A 132 -7.96 -24.42 7.82
N PRO A 133 -9.23 -24.43 8.27
CA PRO A 133 -9.73 -25.45 9.19
C PRO A 133 -9.52 -26.87 8.67
N ALA A 140 -11.84 -24.63 -2.05
CA ALA A 140 -12.86 -24.10 -1.15
C ALA A 140 -12.83 -22.57 -1.14
N ASP A 141 -13.99 -21.95 -0.91
CA ASP A 141 -14.04 -20.50 -0.83
C ASP A 141 -13.55 -20.04 0.54
N LEU A 142 -12.27 -19.75 0.61
CA LEU A 142 -11.63 -19.41 1.87
C LEU A 142 -12.08 -18.06 2.41
N GLN A 143 -12.38 -17.12 1.51
CA GLN A 143 -12.85 -15.81 1.95
C GLN A 143 -14.24 -15.89 2.56
N ALA A 144 -15.14 -16.61 1.87
CA ALA A 144 -16.48 -16.83 2.39
C ALA A 144 -16.40 -17.45 3.78
N ASP A 145 -15.46 -18.38 3.94
CA ASP A 145 -15.33 -19.09 5.21
C ASP A 145 -14.86 -18.17 6.34
N VAL A 146 -13.85 -17.33 6.09
CA VAL A 146 -13.38 -16.48 7.17
C VAL A 146 -14.41 -15.39 7.50
N VAL A 147 -15.14 -14.93 6.49
CA VAL A 147 -16.16 -13.92 6.71
C VAL A 147 -17.37 -14.51 7.44
N THR A 148 -17.78 -15.73 7.11
CA THR A 148 -18.91 -16.34 7.82
C THR A 148 -18.58 -16.69 9.27
N ARG A 149 -17.32 -17.04 9.53
CA ARG A 149 -16.93 -17.45 10.88
C ARG A 149 -16.50 -16.28 11.77
N GLN A 150 -16.55 -15.05 11.26
CA GLN A 150 -15.96 -13.91 11.96
C GLN A 150 -16.62 -13.57 13.31
N THR A 151 -17.80 -14.12 13.56
CA THR A 151 -18.49 -13.88 14.82
C THR A 151 -18.27 -15.01 15.82
N GLN A 152 -17.50 -16.02 15.42
CA GLN A 152 -17.19 -17.12 16.33
C GLN A 152 -16.18 -16.64 17.37
N PRO A 153 -16.20 -17.25 18.58
CA PRO A 153 -15.25 -16.79 19.60
C PRO A 153 -13.81 -17.00 19.15
N GLY A 154 -13.02 -15.94 19.11
CA GLY A 154 -11.64 -16.04 18.67
C GLY A 154 -11.44 -16.06 17.16
N ALA A 155 -12.47 -15.62 16.42
CA ALA A 155 -12.41 -15.61 14.97
C ALA A 155 -12.70 -14.25 14.35
N LYS A 156 -12.77 -13.20 15.18
CA LYS A 156 -12.92 -11.85 14.67
C LYS A 156 -11.79 -11.53 13.70
N VAL A 157 -12.11 -10.88 12.59
CA VAL A 157 -11.14 -10.47 11.60
C VAL A 157 -11.31 -9.00 11.23
N GLU A 158 -10.20 -8.27 11.17
CA GLU A 158 -10.21 -6.92 10.63
C GLU A 158 -9.08 -6.80 9.63
N THR A 159 -9.20 -5.87 8.68
CA THR A 159 -8.04 -5.57 7.83
C THR A 159 -7.54 -4.16 8.11
N LEU A 160 -6.24 -3.98 7.95
CA LEU A 160 -5.60 -2.74 8.32
C LEU A 160 -4.53 -2.40 7.29
N GLY A 161 -4.83 -1.45 6.42
CA GLY A 161 -3.89 -1.09 5.40
C GLY A 161 -2.96 -0.01 5.93
N PHE A 162 -1.71 -0.07 5.52
CA PHE A 162 -0.66 0.90 5.86
C PHE A 162 -0.30 1.61 4.55
N CYS A 163 -0.59 2.91 4.44
CA CYS A 163 -0.34 3.66 3.21
CA CYS A 163 -0.34 3.65 3.21
C CYS A 163 -1.04 2.95 2.04
N ALA A 164 -0.33 2.67 0.96
CA ALA A 164 -0.96 2.04 -0.21
C ALA A 164 -1.44 0.62 0.08
N GLY A 165 -1.06 0.09 1.24
CA GLY A 165 -1.62 -1.15 1.74
C GLY A 165 -3.13 -1.09 1.84
N LEU A 166 -3.65 0.13 2.02
CA LEU A 166 -5.09 0.33 2.06
C LEU A 166 -5.82 -0.20 0.83
N LEU A 167 -5.17 -0.16 -0.33
CA LEU A 167 -5.80 -0.65 -1.55
C LEU A 167 -6.21 -2.10 -1.41
N ALA A 168 -5.28 -2.92 -0.95
CA ALA A 168 -5.56 -4.34 -0.77
C ALA A 168 -6.44 -4.58 0.45
N ALA A 169 -6.16 -3.86 1.55
CA ALA A 169 -6.94 -4.04 2.77
C ALA A 169 -8.41 -3.79 2.54
N VAL A 170 -8.74 -2.74 1.81
CA VAL A 170 -10.14 -2.39 1.62
C VAL A 170 -10.76 -3.30 0.55
N ALA A 171 -9.95 -3.81 -0.37
CA ALA A 171 -10.42 -4.84 -1.30
C ALA A 171 -10.91 -6.06 -0.52
N VAL A 172 -10.07 -6.56 0.39
CA VAL A 172 -10.43 -7.75 1.16
C VAL A 172 -11.62 -7.46 2.09
N ALA A 173 -11.66 -6.28 2.70
CA ALA A 173 -12.77 -5.96 3.59
C ALA A 173 -14.09 -5.82 2.83
N SER A 174 -14.00 -5.56 1.53
CA SER A 174 -15.21 -5.42 0.71
C SER A 174 -15.78 -6.76 0.29
N ALA A 175 -14.99 -7.82 0.44
CA ALA A 175 -15.28 -9.11 -0.18
C ALA A 175 -15.90 -10.13 0.78
N GLY A 176 -17.06 -10.64 0.40
CA GLY A 176 -17.75 -11.64 1.20
C GLY A 176 -17.54 -13.06 0.70
N ASN A 177 -16.90 -13.19 -0.46
CA ASN A 177 -16.64 -14.50 -1.05
C ASN A 177 -15.56 -14.41 -2.13
N ARG A 178 -15.29 -15.53 -2.81
CA ARG A 178 -14.23 -15.55 -3.81
C ARG A 178 -14.50 -14.62 -4.99
N GLN A 179 -15.73 -14.64 -5.48
CA GLN A 179 -16.08 -13.77 -6.60
C GLN A 179 -15.88 -12.30 -6.24
N GLU A 180 -16.24 -11.91 -5.02
CA GLU A 180 -16.08 -10.51 -4.63
C GLU A 180 -14.62 -10.19 -4.31
N PHE A 181 -13.87 -11.21 -3.88
CA PHE A 181 -12.42 -11.04 -3.70
C PHE A 181 -11.80 -10.63 -5.04
N GLN A 182 -12.19 -11.32 -6.10
CA GLN A 182 -11.70 -10.99 -7.44
C GLN A 182 -12.24 -9.65 -7.94
N LYS A 183 -13.51 -9.38 -7.65
CA LYS A 183 -14.14 -8.12 -8.04
C LYS A 183 -13.43 -6.92 -7.43
N TYR A 184 -13.26 -6.94 -6.11
CA TYR A 184 -12.71 -5.79 -5.44
C TYR A 184 -11.18 -5.80 -5.50
N GLY A 185 -10.58 -6.99 -5.66
CA GLY A 185 -9.18 -7.08 -6.00
C GLY A 185 -8.87 -6.32 -7.29
N ALA A 186 -9.75 -6.45 -8.28
CA ALA A 186 -9.60 -5.75 -9.55
C ALA A 186 -9.73 -4.25 -9.36
N VAL A 187 -10.67 -3.85 -8.51
CA VAL A 187 -10.83 -2.44 -8.20
C VAL A 187 -9.52 -1.89 -7.62
N ALA A 188 -8.92 -2.62 -6.68
CA ALA A 188 -7.69 -2.18 -6.04
C ALA A 188 -6.54 -2.05 -7.03
N VAL A 189 -6.47 -2.96 -7.98
CA VAL A 189 -5.43 -2.88 -9.00
C VAL A 189 -5.61 -1.64 -9.86
N ARG A 190 -6.86 -1.36 -10.25
CA ARG A 190 -7.11 -0.18 -11.06
C ARG A 190 -6.77 1.12 -10.32
N LEU A 191 -7.14 1.18 -9.05
CA LEU A 191 -6.89 2.37 -8.26
C LEU A 191 -5.39 2.52 -7.99
N ALA A 192 -4.70 1.40 -7.82
CA ALA A 192 -3.25 1.46 -7.63
C ALA A 192 -2.58 2.01 -8.88
N ALA A 195 -3.49 5.89 -8.91
CA ALA A 195 -2.68 6.56 -7.91
C ALA A 195 -1.22 6.61 -8.34
N GLY A 196 -0.71 5.50 -8.84
CA GLY A 196 0.66 5.43 -9.31
C GLY A 196 0.96 6.41 -10.43
N ALA A 197 0.01 6.57 -11.35
CA ALA A 197 0.16 7.54 -12.42
C ALA A 197 0.31 8.96 -11.89
N LEU A 198 -0.52 9.32 -10.90
CA LEU A 198 -0.43 10.66 -10.31
C LEU A 198 0.92 10.87 -9.63
N ILE A 199 1.41 9.83 -8.96
CA ILE A 199 2.72 9.90 -8.31
C ILE A 199 3.84 10.03 -9.35
N ASP A 200 3.85 9.11 -10.33
CA ASP A 200 4.85 9.14 -11.41
C ASP A 200 4.84 10.45 -12.19
N GLY A 201 3.63 10.91 -12.51
CA GLY A 201 3.47 12.07 -13.38
C GLY A 201 4.02 13.30 -12.70
N GLN A 202 3.67 13.45 -11.42
CA GLN A 202 4.20 14.58 -10.66
C GLN A 202 5.71 14.49 -10.53
N GLU A 203 6.21 13.28 -10.28
CA GLU A 203 7.65 13.12 -10.13
C GLU A 203 8.39 13.44 -11.44
N ALA A 204 7.83 13.03 -12.58
CA ALA A 204 8.44 13.33 -13.88
C ALA A 204 8.49 14.83 -14.12
N ARG A 205 7.40 15.51 -13.79
CA ARG A 205 7.33 16.96 -13.93
C ARG A 205 8.34 17.66 -13.01
N ASP A 206 8.44 17.19 -11.77
CA ASP A 206 9.36 17.77 -10.80
C ASP A 206 10.80 17.57 -11.24
N LYS A 207 11.08 16.39 -11.79
CA LYS A 207 12.45 16.04 -12.20
C LYS A 207 12.99 16.94 -13.31
N ALA A 208 12.08 17.54 -14.07
CA ALA A 208 12.46 18.43 -15.18
C ALA A 208 12.87 19.81 -14.69
N THR A 209 12.67 20.07 -13.40
CA THR A 209 12.96 21.37 -12.81
C THR A 209 14.21 21.32 -11.94
N ARG A 210 14.64 22.49 -11.47
CA ARG A 210 15.78 22.61 -10.57
C ARG A 210 15.57 21.90 -9.23
N ASP A 211 14.32 21.63 -8.87
CA ASP A 211 14.05 20.92 -7.61
C ASP A 211 14.48 19.46 -7.72
N GLY A 212 14.44 18.93 -8.94
CA GLY A 212 15.02 17.64 -9.23
C GLY A 212 14.30 16.40 -8.74
N GLY A 213 13.00 16.51 -8.48
CA GLY A 213 12.25 15.35 -8.03
C GLY A 213 12.37 15.20 -6.53
N SER A 214 11.83 14.10 -6.00
CA SER A 214 11.75 13.95 -4.55
C SER A 214 12.54 12.76 -4.01
N VAL A 215 12.80 12.81 -2.71
CA VAL A 215 13.47 11.72 -2.01
C VAL A 215 12.87 11.64 -0.61
N SER A 216 12.79 10.43 -0.05
CA SER A 216 12.21 10.23 1.26
C SER A 216 13.20 9.62 2.23
N TYR A 217 13.06 10.01 3.49
CA TYR A 217 13.96 9.53 4.54
C TYR A 217 13.20 8.99 5.74
N ALA A 218 13.68 7.86 6.24
CA ALA A 218 13.22 7.36 7.53
C ALA A 218 14.04 8.05 8.60
N ILE A 219 13.39 8.82 9.46
CA ILE A 219 14.12 9.53 10.52
C ILE A 219 13.69 9.05 11.89
N ALA A 220 14.58 9.24 12.86
CA ALA A 220 14.32 8.79 14.23
C ALA A 220 15.00 9.72 15.23
N TRP A 221 14.28 10.05 16.30
CA TRP A 221 14.85 10.91 17.33
C TRP A 221 14.57 10.28 18.68
N ARG A 222 15.06 10.94 19.72
CA ARG A 222 14.87 10.45 21.08
C ARG A 222 14.35 11.57 21.96
N GLY A 223 13.09 11.47 22.34
CA GLY A 223 12.51 12.45 23.26
C GLY A 223 11.72 13.56 22.60
N GLN A 224 10.95 14.28 23.41
CA GLN A 224 10.06 15.33 22.92
C GLN A 224 10.79 16.47 22.21
N LYS A 225 11.88 16.94 22.80
CA LYS A 225 12.59 18.12 22.27
C LYS A 225 13.25 17.92 20.90
N PRO A 226 14.02 16.81 20.71
CA PRO A 226 14.57 16.62 19.36
C PRO A 226 13.49 16.42 18.30
N GLY A 227 12.36 15.86 18.69
CA GLY A 227 11.24 15.73 17.78
C GLY A 227 10.72 17.09 17.37
N GLU A 228 10.68 18.02 18.33
CA GLU A 228 10.22 19.38 18.03
C GLU A 228 11.24 20.10 17.14
N GLU A 229 12.53 19.82 17.36
CA GLU A 229 13.58 20.42 16.54
C GLU A 229 13.55 19.87 15.12
N ALA A 230 13.28 18.58 14.99
CA ALA A 230 13.06 17.98 13.68
C ALA A 230 11.90 18.68 12.96
N ALA A 231 10.80 18.89 13.68
CA ALA A 231 9.66 19.57 13.06
C ALA A 231 10.01 21.00 12.65
N ARG A 232 10.86 21.65 13.44
CA ARG A 232 11.27 23.01 13.14
C ARG A 232 12.10 23.05 11.88
N ILE A 233 13.01 22.09 11.77
CA ILE A 233 13.85 21.98 10.57
C ILE A 233 13.00 21.79 9.31
N VAL A 234 12.03 20.89 9.39
CA VAL A 234 11.14 20.64 8.24
C VAL A 234 10.35 21.88 7.90
N LYS A 235 9.84 22.57 8.93
CA LYS A 235 9.07 23.79 8.70
C LYS A 235 9.89 24.88 8.00
N ASP A 236 11.16 25.00 8.38
CA ASP A 236 12.05 26.01 7.80
C ASP A 236 12.32 25.73 6.33
N LEU A 237 12.01 24.53 5.89
CA LEU A 237 12.21 24.17 4.48
C LEU A 237 10.92 24.23 3.67
N ASN A 238 9.87 24.79 4.26
CA ASN A 238 8.58 24.93 3.57
C ASN A 238 8.77 25.62 2.23
N PRO A 239 8.13 25.11 1.16
CA PRO A 239 7.18 23.99 1.07
C PRO A 239 7.81 22.71 0.52
N ASN A 240 9.14 22.62 0.60
CA ASN A 240 9.87 21.51 0.01
C ASN A 240 9.70 20.19 0.76
N ALA A 241 9.64 20.25 2.08
CA ALA A 241 9.65 19.06 2.91
C ALA A 241 8.38 18.90 3.72
N TYR A 242 8.01 17.66 4.02
CA TYR A 242 6.82 17.39 4.83
C TYR A 242 6.93 16.01 5.47
N PHE A 243 6.13 15.82 6.52
CA PHE A 243 6.04 14.52 7.19
C PHE A 243 5.00 13.66 6.47
N ALA A 244 5.47 12.67 5.72
CA ALA A 244 4.56 11.77 5.01
C ALA A 244 3.92 10.76 5.93
N VAL A 245 4.74 10.18 6.82
CA VAL A 245 4.30 9.14 7.72
C VAL A 245 4.74 9.44 9.14
N LEU A 246 3.80 9.38 10.07
CA LEU A 246 4.13 9.34 11.49
C LEU A 246 4.20 7.87 11.89
N TYR A 247 5.41 7.35 12.04
CA TYR A 247 5.58 5.89 12.06
C TYR A 247 5.58 5.25 13.44
N ASP A 248 6.35 5.82 14.35
CA ASP A 248 6.39 5.35 15.74
C ASP A 248 6.43 6.58 16.64
N GLU A 249 6.53 6.34 17.94
CA GLU A 249 6.50 7.42 18.92
C GLU A 249 7.48 8.53 18.60
N ALA A 250 8.67 8.13 18.16
CA ALA A 250 9.69 9.09 17.77
C ALA A 250 10.32 8.66 16.45
N ARG A 251 9.48 8.24 15.50
CA ARG A 251 9.91 7.92 14.14
C ARG A 251 8.96 8.49 13.11
N ALA A 252 9.50 8.92 11.98
CA ALA A 252 8.68 9.44 10.89
C ALA A 252 9.38 9.25 9.56
N THR A 253 8.59 9.32 8.49
CA THR A 253 9.11 9.41 7.14
C THR A 253 8.89 10.81 6.62
N VAL A 254 9.98 11.44 6.20
CA VAL A 254 9.94 12.78 5.65
C VAL A 254 10.30 12.72 4.17
N THR A 255 9.60 13.52 3.37
CA THR A 255 9.86 13.62 1.95
C THR A 255 10.24 15.04 1.61
N THR A 256 11.22 15.21 0.72
CA THR A 256 11.57 16.55 0.31
C THR A 256 12.08 16.55 -1.13
N THR A 257 12.20 17.75 -1.71
CA THR A 257 12.78 17.88 -3.04
C THR A 257 14.27 17.55 -2.99
N ARG A 258 14.77 17.01 -4.09
CA ARG A 258 16.19 16.65 -4.17
C ARG A 258 17.09 17.88 -3.94
N ARG A 259 16.67 19.03 -4.45
CA ARG A 259 17.45 20.25 -4.33
C ARG A 259 17.71 20.63 -2.87
N THR A 260 16.73 20.34 -2.00
CA THR A 260 16.83 20.69 -0.59
C THR A 260 17.17 19.52 0.32
N ALA A 261 17.30 18.32 -0.25
CA ALA A 261 17.56 17.13 0.55
C ALA A 261 18.84 17.21 1.38
N PRO A 262 19.95 17.71 0.80
CA PRO A 262 21.16 17.76 1.64
C PRO A 262 20.99 18.66 2.85
N SER A 263 20.32 19.80 2.67
CA SER A 263 20.02 20.68 3.81
C SER A 263 19.23 19.94 4.88
N LEU A 264 18.19 19.24 4.45
CA LEU A 264 17.35 18.52 5.39
C LEU A 264 18.15 17.47 6.15
N VAL A 265 18.89 16.67 5.39
CA VAL A 265 19.62 15.55 5.95
C VAL A 265 20.70 16.05 6.91
N ASN A 266 21.46 17.05 6.48
CA ASN A 266 22.56 17.54 7.31
C ASN A 266 22.07 18.22 8.59
N ARG A 267 20.98 18.98 8.48
CA ARG A 267 20.45 19.67 9.66
C ARG A 267 19.85 18.68 10.65
N LEU A 268 19.13 17.69 10.13
CA LEU A 268 18.55 16.68 11.02
C LEU A 268 19.65 15.90 11.76
N ARG A 269 20.70 15.49 11.05
CA ARG A 269 21.76 14.73 11.71
C ARG A 269 22.50 15.57 12.74
N ALA A 270 22.62 16.87 12.46
CA ALA A 270 23.29 17.77 13.40
C ALA A 270 22.47 17.94 14.68
N ALA A 271 21.16 17.72 14.56
CA ALA A 271 20.23 17.82 15.68
C ALA A 271 20.03 16.47 16.37
N ASP A 272 20.91 15.52 16.07
CA ASP A 272 20.91 14.18 16.65
C ASP A 272 19.67 13.38 16.25
N VAL A 273 19.21 13.62 15.03
CA VAL A 273 18.16 12.83 14.41
C VAL A 273 18.82 11.91 13.38
N THR A 274 18.53 10.61 13.43
CA THR A 274 19.09 9.70 12.45
C THR A 274 18.27 9.78 11.17
N VAL A 275 18.97 9.64 10.04
CA VAL A 275 18.37 9.79 8.72
C VAL A 275 18.84 8.65 7.83
N ALA A 276 17.90 7.93 7.24
CA ALA A 276 18.24 6.87 6.30
C ALA A 276 17.29 6.93 5.11
N GLU A 277 17.83 6.85 3.90
CA GLU A 277 16.98 6.91 2.72
C GLU A 277 16.14 5.64 2.62
N ILE A 278 14.87 5.81 2.23
CA ILE A 278 13.91 4.71 2.17
C ILE A 278 13.41 4.53 0.73
N GLY A 279 12.99 3.31 0.41
CA GLY A 279 12.58 3.00 -0.94
C GLY A 279 11.19 3.49 -1.34
N ILE A 280 10.99 4.79 -1.28
CA ILE A 280 9.72 5.39 -1.70
C ILE A 280 9.98 6.31 -2.88
N LYS A 281 9.25 6.10 -3.97
CA LYS A 281 9.40 6.94 -5.16
C LYS A 281 8.35 8.03 -5.17
N GLY A 282 8.77 9.25 -5.49
CA GLY A 282 7.85 10.36 -5.60
C GLY A 282 7.27 10.79 -4.27
N ARG A 283 6.16 11.52 -4.34
CA ARG A 283 5.53 12.08 -3.15
C ARG A 283 4.24 11.34 -2.83
N ILE A 284 4.16 10.75 -1.64
CA ILE A 284 2.90 10.17 -1.18
C ILE A 284 2.45 10.93 0.06
N HIS A 285 1.16 10.92 0.34
CA HIS A 285 0.59 11.67 1.47
C HIS A 285 1.03 13.13 1.42
N SER A 286 0.94 13.74 0.23
CA SER A 286 1.50 15.05 0.02
C SER A 286 0.48 16.17 0.13
N PRO A 287 0.84 17.24 0.84
CA PRO A 287 -0.07 18.38 1.03
C PRO A 287 0.09 19.44 -0.06
N ASP A 288 0.89 19.16 -1.09
CA ASP A 288 1.19 20.18 -2.08
C ASP A 288 0.00 20.45 -3.00
N SER A 289 -0.03 21.66 -3.54
CA SER A 289 -1.17 22.13 -4.29
C SER A 289 -1.46 21.35 -5.57
N GLU A 290 -0.40 20.91 -6.27
CA GLU A 290 -0.61 20.17 -7.50
C GLU A 290 -1.26 18.84 -7.20
N ARG A 291 -0.74 18.15 -6.18
CA ARG A 291 -1.32 16.86 -5.77
C ARG A 291 -2.77 17.01 -5.35
N LYS A 292 -3.06 18.06 -4.59
CA LYS A 292 -4.43 18.34 -4.16
C LYS A 292 -5.39 18.45 -5.34
N ASN A 293 -5.00 19.22 -6.36
CA ASN A 293 -5.84 19.41 -7.53
C ASN A 293 -6.02 18.11 -8.30
N ASN A 294 -4.92 17.40 -8.51
CA ASN A 294 -4.95 16.16 -9.28
C ASN A 294 -5.81 15.11 -8.57
N THR A 295 -5.73 15.09 -7.24
CA THR A 295 -6.49 14.11 -6.46
C THR A 295 -7.98 14.43 -6.52
N ASP A 296 -8.34 15.70 -6.45
CA ASP A 296 -9.74 16.09 -6.63
C ASP A 296 -10.27 15.63 -8.00
N LEU A 297 -9.46 15.79 -9.04
CA LEU A 297 -9.85 15.38 -10.38
C LEU A 297 -9.99 13.86 -10.45
N LEU A 298 -9.09 13.14 -9.78
CA LEU A 298 -9.16 11.68 -9.80
C LEU A 298 -10.40 11.20 -9.04
N VAL A 299 -10.67 11.82 -7.89
CA VAL A 299 -11.85 11.44 -7.11
C VAL A 299 -13.11 11.67 -7.93
N ASP A 300 -13.17 12.81 -8.62
CA ASP A 300 -14.31 13.10 -9.48
C ASP A 300 -14.45 12.06 -10.62
N LEU A 301 -13.32 11.70 -11.24
CA LEU A 301 -13.33 10.71 -12.32
C LEU A 301 -13.85 9.34 -11.86
N CYS A 302 -13.40 8.89 -10.69
CA CYS A 302 -13.78 7.58 -10.16
C CYS A 302 -15.28 7.48 -9.93
N LYS A 303 -15.93 8.62 -9.68
CA LYS A 303 -17.38 8.64 -9.47
C LYS A 303 -18.13 8.10 -10.68
N SER A 304 -17.51 8.23 -11.86
CA SER A 304 -18.14 7.87 -13.11
C SER A 304 -18.07 6.39 -13.45
N PHE A 305 -17.36 5.62 -12.63
CA PHE A 305 -17.10 4.22 -12.95
C PHE A 305 -17.53 3.27 -11.85
N GLU A 306 -18.51 2.43 -12.14
CA GLU A 306 -18.94 1.39 -11.20
C GLU A 306 -17.78 0.46 -10.85
N ASP A 307 -16.92 0.20 -11.84
CA ASP A 307 -15.86 -0.77 -11.65
C ASP A 307 -14.65 -0.17 -10.97
N LEU A 308 -14.78 1.04 -10.45
CA LEU A 308 -13.73 1.62 -9.62
C LEU A 308 -14.21 1.74 -8.17
N GLN A 309 -15.31 1.08 -7.84
CA GLN A 309 -15.91 1.23 -6.52
C GLN A 309 -15.62 0.06 -5.58
N TYR A 310 -15.20 0.40 -4.36
CA TYR A 310 -15.23 -0.55 -3.26
C TYR A 310 -16.64 -0.66 -2.72
N ALA A 311 -16.85 -1.55 -1.76
CA ALA A 311 -18.12 -1.59 -1.05
C ALA A 311 -18.27 -0.27 -0.28
N ASP A 312 -19.51 0.16 -0.05
CA ASP A 312 -19.78 1.30 0.81
C ASP A 312 -19.32 1.02 2.23
N ALA A 313 -18.96 2.06 2.98
CA ALA A 313 -18.59 1.88 4.40
C ALA A 313 -19.67 1.14 5.21
N ALA A 314 -20.92 1.26 4.77
CA ALA A 314 -22.01 0.65 5.51
C ALA A 314 -22.25 -0.80 5.10
N SER A 315 -21.50 -1.27 4.11
CA SER A 315 -21.74 -2.58 3.53
C SER A 315 -20.46 -3.42 3.40
N LEU A 316 -19.46 -3.14 4.23
CA LEU A 316 -18.24 -3.92 4.21
C LEU A 316 -18.48 -5.32 4.78
N ALA A 317 -17.74 -6.30 4.26
CA ALA A 317 -17.84 -7.67 4.73
C ALA A 317 -17.05 -7.85 6.03
N LEU A 318 -15.94 -7.11 6.14
CA LEU A 318 -15.08 -7.12 7.31
C LEU A 318 -14.78 -5.69 7.70
N PRO A 319 -14.51 -5.43 8.99
CA PRO A 319 -14.13 -4.08 9.39
C PRO A 319 -12.75 -3.72 8.88
N THR A 320 -12.54 -2.44 8.60
CA THR A 320 -11.27 -1.98 8.07
C THR A 320 -11.00 -0.57 8.57
N TYR A 321 -9.74 -0.16 8.48
CA TYR A 321 -9.28 1.09 9.06
C TYR A 321 -8.84 2.10 8.02
N ASN A 322 -8.83 3.38 8.38
CA ASN A 322 -8.03 4.32 7.61
C ASN A 322 -6.76 4.59 8.41
N ASN A 323 -5.98 5.59 8.01
CA ASN A 323 -4.74 5.84 8.74
C ASN A 323 -4.81 7.14 9.51
N GLU A 324 -5.99 7.45 10.05
CA GLU A 324 -6.20 8.71 10.77
C GLU A 324 -6.24 8.54 12.28
N ALA A 325 -5.75 7.40 12.77
CA ALA A 325 -5.64 7.14 14.20
C ALA A 325 -6.99 7.20 14.93
N GLU A 326 -7.99 6.54 14.34
CA GLU A 326 -9.35 6.62 14.87
C GLU A 326 -9.59 5.75 16.10
N GLY A 327 -8.81 4.69 16.26
CA GLY A 327 -8.97 3.81 17.41
C GLY A 327 -10.10 2.81 17.21
N ARG A 328 -10.55 2.71 15.97
CA ARG A 328 -11.74 1.92 15.64
C ARG A 328 -11.77 1.75 14.14
N PRO A 329 -12.28 0.63 13.63
CA PRO A 329 -12.54 0.58 12.20
C PRO A 329 -13.45 1.71 11.74
N VAL A 330 -13.36 2.00 10.45
CA VAL A 330 -14.19 3.01 9.83
C VAL A 330 -15.66 2.79 10.10
N SER A 331 -16.35 3.87 10.44
CA SER A 331 -17.75 3.84 10.82
C SER A 331 -18.69 3.73 9.61
N ARG A 332 -19.94 3.35 9.88
CA ARG A 332 -20.87 3.00 8.80
C ARG A 332 -21.36 4.21 8.00
N ASP A 333 -21.18 5.40 8.55
CA ASP A 333 -21.63 6.63 7.89
C ASP A 333 -20.66 7.13 6.82
N ARG A 334 -19.50 6.51 6.71
CA ARG A 334 -18.40 7.17 6.02
C ARG A 334 -18.56 7.24 4.50
N GLY A 335 -19.45 6.42 3.95
CA GLY A 335 -19.73 6.52 2.53
C GLY A 335 -18.72 5.89 1.60
N ASN A 336 -18.29 6.66 0.61
CA ASN A 336 -17.52 6.12 -0.51
C ASN A 336 -16.09 5.75 -0.13
N THR A 338 -13.79 4.24 -2.04
CA THR A 338 -12.78 4.54 -3.06
C THR A 338 -12.25 5.95 -2.82
N GLU A 339 -13.15 6.90 -2.57
CA GLU A 339 -12.71 8.27 -2.32
C GLU A 339 -11.81 8.30 -1.08
N VAL A 341 -9.91 5.92 0.25
CA VAL A 341 -8.62 5.27 0.02
C VAL A 341 -7.71 6.15 -0.86
N ILE A 342 -8.28 6.69 -1.93
CA ILE A 342 -7.53 7.56 -2.84
C ILE A 342 -6.96 8.78 -2.11
N ARG A 343 -7.79 9.48 -1.34
CA ARG A 343 -7.34 10.66 -0.59
C ARG A 343 -6.35 10.28 0.50
N ALA A 344 -6.58 9.14 1.15
CA ALA A 344 -5.70 8.66 2.21
C ALA A 344 -4.27 8.41 1.72
N ILE A 345 -4.13 7.87 0.51
CA ILE A 345 -2.82 7.55 -0.03
C ILE A 345 -2.14 8.77 -0.65
N LEU A 346 -2.88 9.51 -1.46
CA LEU A 346 -2.26 10.57 -2.25
C LEU A 346 -2.04 11.90 -1.49
N VAL A 347 -2.91 12.22 -0.54
CA VAL A 347 -2.86 13.54 0.10
C VAL A 347 -2.74 13.50 1.63
N ASN A 348 -3.63 12.76 2.27
CA ASN A 348 -3.67 12.80 3.74
C ASN A 348 -2.42 12.20 4.37
N GLN A 349 -1.94 12.86 5.42
CA GLN A 349 -0.85 12.33 6.22
C GLN A 349 -1.19 10.94 6.72
N CYS A 350 -0.19 10.07 6.76
CA CYS A 350 -0.36 8.74 7.31
C CYS A 350 0.07 8.71 8.77
N ASN A 351 -0.89 8.75 9.68
CA ASN A 351 -0.57 8.63 11.10
C ASN A 351 -0.59 7.17 11.49
N TRP A 352 0.47 6.46 11.10
CA TRP A 352 0.54 5.02 11.33
C TRP A 352 0.68 4.67 12.81
N TYR A 353 1.52 5.41 13.53
CA TYR A 353 1.70 5.15 14.95
C TYR A 353 0.37 5.21 15.67
N GLY A 354 -0.38 6.28 15.45
CA GLY A 354 -1.67 6.44 16.11
C GLY A 354 -2.69 5.42 15.64
N THR A 355 -2.63 5.09 14.35
CA THR A 355 -3.54 4.08 13.79
C THR A 355 -3.27 2.69 14.38
N PHE A 356 -2.01 2.26 14.36
CA PHE A 356 -1.70 0.93 14.82
C PHE A 356 -1.91 0.80 16.32
N LYS A 357 -1.47 1.81 17.07
CA LYS A 357 -1.73 1.81 18.50
C LYS A 357 -3.23 1.74 18.76
N GLY A 358 -3.98 2.54 18.02
CA GLY A 358 -5.43 2.55 18.16
C GLY A 358 -6.11 1.22 17.85
N ALA A 359 -5.54 0.46 16.93
CA ALA A 359 -6.12 -0.81 16.50
C ALA A 359 -5.77 -1.96 17.44
N THR A 360 -4.76 -1.79 18.28
CA THR A 360 -4.25 -2.93 19.04
C THR A 360 -4.28 -2.72 20.54
N GLU A 361 -4.36 -1.46 20.98
CA GLU A 361 -4.30 -1.18 22.41
C GLU A 361 -5.48 -1.81 23.16
N GLY A 362 -5.17 -2.48 24.26
CA GLY A 362 -6.19 -3.11 25.08
C GLY A 362 -6.65 -4.44 24.52
N ARG A 363 -6.08 -4.83 23.38
CA ARG A 363 -6.47 -6.06 22.69
C ARG A 363 -5.26 -6.98 22.54
N GLU A 364 -5.52 -8.21 22.12
CA GLU A 364 -4.45 -9.15 21.81
C GLU A 364 -4.60 -9.74 20.40
N PRO A 365 -4.68 -8.89 19.37
CA PRO A 365 -4.92 -9.42 18.02
C PRO A 365 -3.72 -10.18 17.47
N PHE A 366 -3.98 -11.23 16.70
CA PHE A 366 -2.90 -11.89 15.97
C PHE A 366 -2.66 -11.12 14.67
N VAL A 367 -1.52 -10.44 14.59
CA VAL A 367 -1.25 -9.51 13.48
C VAL A 367 -0.40 -10.15 12.37
N VAL A 368 -1.02 -10.30 11.21
CA VAL A 368 -0.42 -10.97 10.06
C VAL A 368 -0.11 -9.92 9.00
N THR A 369 1.16 -9.69 8.72
CA THR A 369 1.51 -8.67 7.70
C THR A 369 1.70 -9.30 6.33
N LEU A 370 0.93 -8.80 5.36
CA LEU A 370 1.11 -9.18 3.96
C LEU A 370 1.87 -8.07 3.26
N GLY A 371 2.77 -8.43 2.36
CA GLY A 371 3.52 -7.42 1.63
C GLY A 371 5.01 -7.64 1.78
N LEU A 372 5.78 -6.60 1.47
CA LEU A 372 7.22 -6.71 1.32
C LEU A 372 8.00 -5.78 2.25
N GLU A 373 7.31 -5.22 3.24
CA GLU A 373 7.92 -4.26 4.15
C GLU A 373 7.41 -4.55 5.56
N ARG A 374 8.33 -4.68 6.52
CA ARG A 374 7.93 -4.93 7.90
C ARG A 374 7.25 -3.68 8.43
N SER A 375 6.11 -3.88 9.10
CA SER A 375 5.15 -2.80 9.25
C SER A 375 4.69 -2.50 10.67
N VAL A 376 5.22 -3.25 11.64
CA VAL A 376 4.80 -3.07 13.03
C VAL A 376 5.79 -2.17 13.74
N PRO A 377 5.34 -1.00 14.21
CA PRO A 377 6.29 -0.10 14.89
C PRO A 377 6.96 -0.77 16.10
N PRO A 378 8.29 -0.65 16.22
CA PRO A 378 9.03 -1.30 17.31
C PRO A 378 8.45 -1.11 18.71
N THR A 379 8.07 0.10 19.10
CA THR A 379 7.54 0.29 20.46
C THR A 379 6.25 -0.51 20.67
N LEU A 380 5.56 -0.84 19.58
CA LEU A 380 4.28 -1.54 19.68
C LEU A 380 4.40 -3.03 19.40
N ARG A 382 6.59 -5.12 20.69
CA ARG A 382 6.92 -5.86 21.90
C ARG A 382 5.67 -6.46 22.54
N SER A 383 4.62 -5.65 22.68
CA SER A 383 3.42 -6.06 23.38
C SER A 383 2.57 -7.11 22.65
N LEU A 384 2.83 -7.30 21.36
CA LEU A 384 2.13 -8.33 20.59
C LEU A 384 2.72 -9.71 20.83
N GLY A 385 3.91 -9.76 21.43
CA GLY A 385 4.53 -11.03 21.76
C GLY A 385 4.57 -11.99 20.58
N PRO A 386 4.16 -13.23 20.81
CA PRO A 386 4.26 -14.21 19.74
C PRO A 386 3.10 -14.20 18.75
N HIS A 387 2.01 -13.49 19.07
CA HIS A 387 0.83 -13.54 18.19
C HIS A 387 0.93 -12.48 17.08
N GLN A 388 1.95 -12.67 16.26
CA GLN A 388 2.17 -11.88 15.07
C GLN A 388 3.06 -12.65 14.12
N VAL A 389 2.93 -12.40 12.83
CA VAL A 389 3.82 -12.98 11.86
C VAL A 389 3.90 -12.10 10.61
N HIS A 390 5.10 -11.96 10.10
CA HIS A 390 5.33 -11.28 8.84
C HIS A 390 5.37 -12.35 7.78
N TYR A 391 4.47 -12.26 6.81
CA TYR A 391 4.25 -13.35 5.87
C TYR A 391 5.54 -13.81 5.17
N GLU A 392 6.41 -12.87 4.81
CA GLU A 392 7.67 -13.20 4.14
C GLU A 392 8.52 -14.18 4.93
N ASP A 393 8.26 -14.28 6.23
CA ASP A 393 9.05 -15.19 7.08
C ASP A 393 8.53 -16.63 7.08
N LEU A 394 7.36 -16.86 6.49
CA LEU A 394 6.74 -18.18 6.52
C LEU A 394 7.35 -19.19 5.55
N ALA A 395 7.47 -20.43 6.01
CA ALA A 395 7.84 -21.52 5.12
C ALA A 395 6.65 -21.83 4.22
N ASP A 396 6.93 -22.41 3.05
CA ASP A 396 5.88 -22.86 2.14
C ASP A 396 4.99 -21.72 1.68
N ASN A 397 5.55 -20.51 1.61
CA ASN A 397 4.72 -19.33 1.40
C ASN A 397 4.63 -18.89 -0.05
N GLY A 398 5.15 -19.73 -0.95
CA GLY A 398 5.05 -19.45 -2.37
C GLY A 398 3.61 -19.58 -2.85
N ILE A 399 3.26 -18.81 -3.86
CA ILE A 399 1.94 -18.93 -4.46
C ILE A 399 1.92 -20.18 -5.35
N PRO A 400 1.04 -21.15 -5.04
CA PRO A 400 1.03 -22.40 -5.81
C PRO A 400 0.64 -22.19 -7.27
N PRO A 401 1.26 -22.93 -8.19
CA PRO A 401 0.81 -22.86 -9.58
C PRO A 401 -0.60 -23.43 -9.75
N ALA A 402 -1.34 -22.91 -10.72
CA ALA A 402 -2.69 -23.40 -11.00
C ALA A 402 -2.63 -24.90 -11.32
N PRO A 403 -3.63 -25.66 -10.87
CA PRO A 403 -3.62 -27.10 -11.14
C PRO A 403 -3.70 -27.38 -12.64
N GLN A 404 -3.30 -28.60 -13.03
CA GLN A 404 -3.17 -29.03 -14.42
C GLN A 404 -1.99 -28.35 -15.11
#